data_5KOA
#
_entry.id   5KOA
#
_cell.length_a   71.322
_cell.length_b   51.912
_cell.length_c   79.146
_cell.angle_alpha   90.000
_cell.angle_beta   90.680
_cell.angle_gamma   90.000
#
_symmetry.space_group_name_H-M   'P 1 21 1'
#
loop_
_entity.id
_entity.type
_entity.pdbx_description
1 polymer 'Cell division protein ZapD'
2 polymer 'C-terminal tail of FtsZ'
3 water water
#
loop_
_entity_poly.entity_id
_entity_poly.type
_entity_poly.pdbx_seq_one_letter_code
_entity_poly.pdbx_strand_id
1 'polypeptide(L)'
;QTQVLFEHPLNEKMRTWLRIEFLIQQLTVNLPIVDHAGALHFFRNVSELLDVFERGEVRTELLKELDRQQRKLQTWIGVP
GVDQSRIEALIQQLKAAGSVLISAPRIGQFLREDRLIALVRQRLSIPGGCCSFDLPTLHIWLHLPQAQRDSQVETWIASL
NPLTQALTMVLDLIRQSAPFRKQTSLNGFYQDNGGDADLLRLNLSLDSQLYPQISGHKSRFAIRFMPLDSENGQVPERLD
FELACC
;
A,B
2 'polypeptide(L)' DYLDIPAFLRKQ D
#
# COMPACT_ATOMS: atom_id res chain seq x y z
N GLN A 1 -18.07 -28.12 -3.13
CA GLN A 1 -18.82 -26.96 -3.57
C GLN A 1 -17.94 -25.70 -3.62
N THR A 2 -17.82 -25.02 -2.49
CA THR A 2 -16.97 -23.83 -2.39
C THR A 2 -16.28 -23.77 -1.03
N GLN A 3 -14.96 -23.94 -1.04
CA GLN A 3 -14.18 -24.01 0.19
C GLN A 3 -13.34 -22.76 0.41
N VAL A 4 -12.83 -22.62 1.63
CA VAL A 4 -11.90 -21.54 1.97
C VAL A 4 -10.74 -22.13 2.77
N LEU A 5 -9.53 -21.95 2.24
CA LEU A 5 -8.34 -22.54 2.85
C LEU A 5 -7.71 -21.63 3.91
N PHE A 6 -7.79 -22.08 5.16
CA PHE A 6 -7.14 -21.36 6.25
C PHE A 6 -5.87 -22.10 6.68
N GLU A 7 -4.79 -21.35 6.84
CA GLU A 7 -3.54 -21.93 7.30
C GLU A 7 -3.06 -21.22 8.57
N HIS A 8 -2.62 -22.01 9.54
CA HIS A 8 -2.19 -21.46 10.82
C HIS A 8 -0.86 -22.07 11.25
N PRO A 9 0.18 -21.23 11.34
CA PRO A 9 1.49 -21.68 11.80
C PRO A 9 1.44 -22.13 13.25
N LEU A 10 2.12 -23.23 13.56
CA LEU A 10 2.12 -23.77 14.91
C LEU A 10 3.38 -23.36 15.67
N ASN A 11 4.08 -22.36 15.15
CA ASN A 11 5.28 -21.82 15.78
C ASN A 11 5.78 -20.55 15.09
N GLU A 12 6.67 -19.82 15.75
CA GLU A 12 7.21 -18.59 15.20
C GLU A 12 7.96 -18.83 13.90
N LYS A 13 8.58 -19.99 13.78
CA LYS A 13 9.34 -20.35 12.59
C LYS A 13 8.46 -20.31 11.35
N MET A 14 7.44 -21.17 11.31
CA MET A 14 6.53 -21.25 10.17
C MET A 14 5.78 -19.95 9.97
N ARG A 15 5.50 -19.26 11.07
CA ARG A 15 4.80 -17.98 11.02
C ARG A 15 5.57 -17.01 10.15
N THR A 16 6.88 -16.94 10.37
CA THR A 16 7.74 -16.05 9.60
C THR A 16 7.76 -16.47 8.14
N TRP A 17 7.82 -17.78 7.90
CA TRP A 17 7.93 -18.32 6.55
C TRP A 17 6.69 -18.01 5.70
N LEU A 18 5.51 -18.10 6.31
CA LEU A 18 4.27 -17.76 5.61
C LEU A 18 4.20 -16.27 5.31
N ARG A 19 4.68 -15.45 6.24
CA ARG A 19 4.75 -14.01 6.02
C ARG A 19 5.64 -13.69 4.82
N ILE A 20 6.86 -14.21 4.86
CA ILE A 20 7.81 -14.01 3.79
C ILE A 20 7.26 -14.52 2.46
N GLU A 21 6.62 -15.68 2.50
CA GLU A 21 6.00 -16.26 1.32
C GLU A 21 5.01 -15.27 0.71
N PHE A 22 4.22 -14.64 1.57
CA PHE A 22 3.22 -13.68 1.13
C PHE A 22 3.86 -12.45 0.51
N LEU A 23 4.85 -11.89 1.21
CA LEU A 23 5.51 -10.68 0.76
C LEU A 23 6.26 -10.89 -0.55
N ILE A 24 7.06 -11.95 -0.61
CA ILE A 24 7.80 -12.28 -1.84
C ILE A 24 6.83 -12.38 -3.02
N GLN A 25 5.80 -13.19 -2.82
CA GLN A 25 4.77 -13.41 -3.82
C GLN A 25 4.17 -12.10 -4.30
N GLN A 26 3.98 -11.16 -3.37
CA GLN A 26 3.37 -9.86 -3.65
C GLN A 26 4.18 -9.04 -4.64
N LEU A 27 5.50 -9.06 -4.50
CA LEU A 27 6.40 -8.28 -5.33
C LEU A 27 6.14 -8.41 -6.83
N THR A 28 5.80 -9.63 -7.26
CA THR A 28 5.61 -9.92 -8.68
C THR A 28 4.14 -9.93 -9.08
N VAL A 29 3.26 -9.55 -8.16
CA VAL A 29 1.82 -9.61 -8.41
C VAL A 29 1.31 -8.51 -9.33
N ASN A 30 1.79 -7.29 -9.11
CA ASN A 30 1.31 -6.14 -9.86
C ASN A 30 2.32 -5.52 -10.82
N LEU A 31 3.24 -6.35 -11.32
CA LEU A 31 4.22 -5.88 -12.30
C LEU A 31 3.58 -5.80 -13.69
N PRO A 32 4.09 -4.89 -14.53
CA PRO A 32 5.17 -3.96 -14.23
C PRO A 32 4.66 -2.70 -13.53
N ILE A 33 5.56 -1.97 -12.89
CA ILE A 33 5.18 -0.75 -12.18
C ILE A 33 5.06 0.43 -13.13
N VAL A 34 4.01 1.23 -12.97
CA VAL A 34 3.75 2.35 -13.86
C VAL A 34 3.35 3.62 -13.10
N ASP A 35 2.65 3.45 -11.99
CA ASP A 35 2.14 4.60 -11.23
C ASP A 35 2.47 4.50 -9.75
N HIS A 36 2.13 5.57 -9.02
CA HIS A 36 2.37 5.63 -7.58
C HIS A 36 1.79 4.43 -6.84
N ALA A 37 0.62 3.98 -7.28
CA ALA A 37 -0.05 2.86 -6.64
C ALA A 37 0.79 1.58 -6.74
N GLY A 38 1.23 1.26 -7.95
CA GLY A 38 2.04 0.07 -8.17
C GLY A 38 3.40 0.16 -7.52
N ALA A 39 3.97 1.36 -7.51
CA ALA A 39 5.28 1.58 -6.90
C ALA A 39 5.23 1.41 -5.40
N LEU A 40 4.37 2.18 -4.74
CA LEU A 40 4.22 2.12 -3.29
C LEU A 40 3.93 0.70 -2.82
N HIS A 41 3.08 0.00 -3.56
CA HIS A 41 2.78 -1.40 -3.26
C HIS A 41 4.08 -2.19 -3.19
N PHE A 42 4.85 -2.12 -4.27
CA PHE A 42 6.12 -2.83 -4.36
C PHE A 42 7.08 -2.42 -3.24
N PHE A 43 7.39 -1.13 -3.18
CA PHE A 43 8.34 -0.61 -2.21
C PHE A 43 7.93 -0.86 -0.76
N ARG A 44 6.64 -0.92 -0.48
CA ARG A 44 6.16 -1.20 0.86
C ARG A 44 6.36 -2.67 1.23
N ASN A 45 6.08 -3.56 0.29
CA ASN A 45 6.31 -4.99 0.50
C ASN A 45 7.79 -5.27 0.71
N VAL A 46 8.62 -4.59 -0.07
CA VAL A 46 10.07 -4.71 0.06
C VAL A 46 10.51 -4.25 1.45
N SER A 47 9.79 -3.28 2.00
CA SER A 47 10.09 -2.77 3.32
C SER A 47 9.71 -3.75 4.42
N GLU A 48 8.46 -4.21 4.40
CA GLU A 48 7.98 -5.17 5.37
C GLU A 48 8.86 -6.42 5.35
N LEU A 49 9.34 -6.78 4.17
CA LEU A 49 10.29 -7.88 4.02
C LEU A 49 11.56 -7.58 4.81
N LEU A 50 12.16 -6.42 4.54
CA LEU A 50 13.39 -6.01 5.22
C LEU A 50 13.19 -5.93 6.72
N ASP A 51 12.04 -5.42 7.15
CA ASP A 51 11.72 -5.36 8.57
C ASP A 51 11.65 -6.76 9.17
N VAL A 52 11.20 -7.72 8.37
CA VAL A 52 11.13 -9.11 8.81
C VAL A 52 12.52 -9.74 8.90
N PHE A 53 13.39 -9.36 7.95
CA PHE A 53 14.75 -9.89 7.90
C PHE A 53 15.56 -9.52 9.13
N GLU A 54 15.54 -8.24 9.49
CA GLU A 54 16.37 -7.73 10.58
C GLU A 54 15.85 -8.11 11.97
N ARG A 55 14.63 -8.62 12.03
CA ARG A 55 14.02 -8.97 13.31
C ARG A 55 14.07 -10.48 13.59
N GLY A 56 14.58 -11.24 12.63
CA GLY A 56 14.67 -12.68 12.78
C GLY A 56 15.83 -13.29 12.04
N GLU A 57 16.13 -14.55 12.33
CA GLU A 57 17.22 -15.26 11.67
C GLU A 57 16.68 -16.23 10.62
N VAL A 58 16.23 -15.69 9.49
CA VAL A 58 15.58 -16.50 8.46
C VAL A 58 16.55 -17.41 7.71
N ARG A 59 17.70 -16.86 7.33
CA ARG A 59 18.71 -17.62 6.58
C ARG A 59 19.18 -18.84 7.38
N THR A 60 19.29 -18.68 8.69
CA THR A 60 19.71 -19.77 9.55
C THR A 60 18.65 -20.85 9.66
N GLU A 61 17.44 -20.46 10.06
CA GLU A 61 16.35 -21.40 10.26
C GLU A 61 15.96 -22.10 8.96
N LEU A 62 16.22 -21.45 7.84
CA LEU A 62 15.86 -22.00 6.53
C LEU A 62 16.90 -23.03 6.07
N LEU A 63 18.18 -22.75 6.34
CA LEU A 63 19.24 -23.68 6.01
C LEU A 63 19.10 -24.96 6.83
N LYS A 64 18.60 -24.84 8.05
CA LYS A 64 18.38 -26.01 8.91
C LYS A 64 17.19 -26.82 8.43
N GLU A 65 16.17 -26.13 7.94
CA GLU A 65 14.97 -26.81 7.45
C GLU A 65 15.27 -27.62 6.20
N LEU A 66 16.09 -27.06 5.32
CA LEU A 66 16.50 -27.77 4.11
C LEU A 66 17.22 -29.07 4.48
N ASP A 67 18.06 -29.00 5.51
CA ASP A 67 18.76 -30.18 5.99
C ASP A 67 17.77 -31.21 6.54
N ARG A 68 16.76 -30.73 7.25
CA ARG A 68 15.75 -31.62 7.83
C ARG A 68 15.00 -32.36 6.73
N GLN A 69 14.52 -31.61 5.74
CA GLN A 69 13.77 -32.19 4.63
C GLN A 69 14.62 -33.15 3.82
N GLN A 70 15.92 -32.92 3.78
CA GLN A 70 16.84 -33.82 3.09
C GLN A 70 16.92 -35.16 3.82
N ARG A 71 17.11 -35.11 5.13
CA ARG A 71 17.14 -36.31 5.94
C ARG A 71 15.81 -37.06 5.84
N LYS A 72 14.72 -36.30 5.86
CA LYS A 72 13.38 -36.86 5.76
C LYS A 72 13.21 -37.70 4.50
N LEU A 73 13.62 -37.12 3.37
CA LEU A 73 13.53 -37.80 2.08
C LEU A 73 14.52 -38.95 1.96
N GLN A 74 15.67 -38.80 2.61
CA GLN A 74 16.71 -39.84 2.56
C GLN A 74 16.21 -41.17 3.10
N THR A 75 15.36 -41.12 4.11
CA THR A 75 14.83 -42.32 4.74
C THR A 75 13.99 -43.14 3.75
N TRP A 76 13.62 -42.52 2.64
CA TRP A 76 12.81 -43.19 1.63
C TRP A 76 13.67 -43.79 0.51
N ILE A 77 14.97 -43.54 0.57
CA ILE A 77 15.90 -44.10 -0.41
C ILE A 77 16.05 -45.60 -0.20
N GLY A 78 15.77 -46.36 -1.25
CA GLY A 78 15.87 -47.82 -1.18
C GLY A 78 14.55 -48.48 -0.87
N VAL A 79 13.61 -47.71 -0.33
CA VAL A 79 12.30 -48.23 0.02
C VAL A 79 11.52 -48.65 -1.23
N PRO A 80 11.02 -49.89 -1.24
CA PRO A 80 10.23 -50.41 -2.36
C PRO A 80 8.91 -49.67 -2.51
N GLY A 81 8.55 -49.33 -3.75
CA GLY A 81 7.34 -48.59 -4.02
C GLY A 81 7.61 -47.12 -4.26
N VAL A 82 8.64 -46.60 -3.59
CA VAL A 82 9.04 -45.21 -3.75
C VAL A 82 9.76 -45.00 -5.06
N ASP A 83 9.48 -43.89 -5.74
CA ASP A 83 10.14 -43.57 -6.99
C ASP A 83 11.50 -42.92 -6.75
N GLN A 84 12.54 -43.73 -6.74
CA GLN A 84 13.90 -43.27 -6.43
C GLN A 84 14.33 -42.10 -7.32
N SER A 85 13.88 -42.09 -8.57
CA SER A 85 14.24 -41.04 -9.51
C SER A 85 13.70 -39.68 -9.06
N ARG A 86 12.50 -39.69 -8.49
CA ARG A 86 11.86 -38.47 -8.02
C ARG A 86 12.51 -37.95 -6.74
N ILE A 87 12.79 -38.87 -5.81
CA ILE A 87 13.40 -38.50 -4.54
C ILE A 87 14.81 -37.94 -4.71
N GLU A 88 15.63 -38.63 -5.50
CA GLU A 88 16.98 -38.17 -5.78
C GLU A 88 16.98 -36.77 -6.36
N ALA A 89 16.12 -36.54 -7.35
CA ALA A 89 15.97 -35.23 -7.95
C ALA A 89 15.66 -34.19 -6.87
N LEU A 90 14.73 -34.53 -6.00
CA LEU A 90 14.31 -33.64 -4.92
C LEU A 90 15.46 -33.35 -3.97
N ILE A 91 16.21 -34.38 -3.62
CA ILE A 91 17.37 -34.24 -2.73
C ILE A 91 18.39 -33.28 -3.32
N GLN A 92 18.68 -33.44 -4.61
CA GLN A 92 19.65 -32.60 -5.28
C GLN A 92 19.16 -31.16 -5.40
N GLN A 93 17.85 -30.99 -5.44
CA GLN A 93 17.26 -29.66 -5.46
C GLN A 93 17.45 -28.98 -4.11
N LEU A 94 17.16 -29.70 -3.04
CA LEU A 94 17.36 -29.19 -1.69
C LEU A 94 18.85 -28.95 -1.44
N LYS A 95 19.67 -29.84 -1.98
CA LYS A 95 21.12 -29.74 -1.84
C LYS A 95 21.64 -28.51 -2.57
N ALA A 96 21.03 -28.21 -3.72
CA ALA A 96 21.45 -27.09 -4.55
C ALA A 96 20.87 -25.76 -4.04
N ALA A 97 19.62 -25.80 -3.59
CA ALA A 97 18.98 -24.62 -3.04
C ALA A 97 19.71 -24.16 -1.78
N GLY A 98 20.07 -25.11 -0.93
CA GLY A 98 20.81 -24.82 0.29
C GLY A 98 22.22 -24.33 -0.03
N SER A 99 22.81 -24.88 -1.07
CA SER A 99 24.14 -24.48 -1.50
C SER A 99 24.13 -23.05 -2.04
N VAL A 100 23.21 -22.78 -2.96
CA VAL A 100 23.05 -21.45 -3.53
C VAL A 100 22.80 -20.42 -2.44
N LEU A 101 21.87 -20.73 -1.54
CA LEU A 101 21.52 -19.84 -0.44
C LEU A 101 22.71 -19.60 0.48
N ILE A 102 23.50 -20.63 0.72
CA ILE A 102 24.63 -20.55 1.63
C ILE A 102 25.81 -19.83 0.98
N SER A 103 25.82 -19.77 -0.35
CA SER A 103 26.90 -19.10 -1.08
C SER A 103 26.55 -17.64 -1.36
N ALA A 104 25.27 -17.31 -1.29
CA ALA A 104 24.81 -15.94 -1.51
C ALA A 104 25.00 -15.12 -0.24
N PRO A 105 25.18 -13.79 -0.40
CA PRO A 105 25.40 -12.91 0.75
C PRO A 105 24.19 -12.85 1.69
N ARG A 106 24.27 -12.01 2.71
CA ARG A 106 23.17 -11.86 3.66
C ARG A 106 21.86 -11.55 2.94
N ILE A 107 20.79 -12.19 3.38
CA ILE A 107 19.48 -12.01 2.76
C ILE A 107 18.99 -10.57 2.87
N GLY A 108 18.65 -9.99 1.72
CA GLY A 108 18.14 -8.63 1.67
C GLY A 108 19.25 -7.60 1.60
N GLN A 109 20.50 -8.07 1.58
CA GLN A 109 21.66 -7.20 1.54
C GLN A 109 21.52 -6.17 0.41
N PHE A 110 21.29 -6.67 -0.80
CA PHE A 110 21.19 -5.82 -1.97
C PHE A 110 20.09 -4.77 -1.84
N LEU A 111 18.92 -5.21 -1.40
CA LEU A 111 17.76 -4.33 -1.25
C LEU A 111 17.99 -3.28 -0.16
N ARG A 112 18.56 -3.71 0.96
CA ARG A 112 18.77 -2.84 2.11
C ARG A 112 19.81 -1.76 1.81
N GLU A 113 20.67 -2.03 0.84
CA GLU A 113 21.73 -1.09 0.49
C GLU A 113 21.41 -0.26 -0.76
N ASP A 114 20.16 -0.36 -1.22
CA ASP A 114 19.77 0.33 -2.44
C ASP A 114 19.33 1.77 -2.18
N ARG A 115 19.82 2.68 -3.03
CA ARG A 115 19.54 4.10 -2.90
C ARG A 115 18.06 4.39 -2.73
N LEU A 116 17.28 4.01 -3.73
CA LEU A 116 15.86 4.36 -3.77
C LEU A 116 15.05 3.69 -2.67
N ILE A 117 15.30 2.41 -2.43
CA ILE A 117 14.59 1.67 -1.39
C ILE A 117 14.74 2.37 -0.05
N ALA A 118 15.97 2.75 0.29
CA ALA A 118 16.26 3.44 1.55
C ALA A 118 15.39 4.68 1.72
N LEU A 119 15.31 5.48 0.67
CA LEU A 119 14.52 6.71 0.70
C LEU A 119 13.04 6.42 0.92
N VAL A 120 12.48 5.57 0.07
CA VAL A 120 11.06 5.24 0.12
C VAL A 120 10.67 4.58 1.43
N ARG A 121 11.56 3.73 1.95
CA ARG A 121 11.30 2.98 3.17
C ARG A 121 11.24 3.89 4.39
N GLN A 122 11.98 5.00 4.32
CA GLN A 122 12.02 5.97 5.41
C GLN A 122 10.67 6.68 5.59
N ARG A 123 10.04 7.02 4.47
CA ARG A 123 8.79 7.78 4.50
C ARG A 123 7.56 6.88 4.49
N LEU A 124 7.58 5.83 5.31
CA LEU A 124 6.45 4.90 5.40
C LEU A 124 5.77 4.98 6.76
N SER A 125 6.49 5.48 7.76
CA SER A 125 5.93 5.61 9.10
C SER A 125 5.08 6.87 9.23
N ILE A 126 4.85 7.53 8.09
CA ILE A 126 4.07 8.76 8.05
C ILE A 126 2.84 8.57 7.18
N PRO A 127 1.67 9.00 7.66
CA PRO A 127 0.39 8.85 6.95
C PRO A 127 0.46 9.21 5.47
N GLY A 128 0.72 10.47 5.17
CA GLY A 128 0.78 10.92 3.79
C GLY A 128 2.18 11.34 3.37
N GLY A 129 3.18 10.62 3.86
CA GLY A 129 4.56 10.95 3.58
C GLY A 129 5.08 10.36 2.27
N CYS A 130 4.21 9.67 1.56
CA CYS A 130 4.59 9.03 0.29
C CYS A 130 4.08 9.80 -0.92
N CYS A 131 3.74 11.07 -0.70
CA CYS A 131 3.24 11.90 -1.79
C CYS A 131 4.36 12.42 -2.67
N SER A 132 4.02 13.32 -3.59
CA SER A 132 4.99 13.83 -4.55
C SER A 132 5.85 14.96 -3.97
N PHE A 133 5.42 15.51 -2.84
CA PHE A 133 6.16 16.59 -2.20
C PHE A 133 7.07 16.07 -1.09
N ASP A 134 6.72 14.93 -0.52
CA ASP A 134 7.56 14.29 0.50
C ASP A 134 8.50 13.27 -0.14
N LEU A 135 8.10 12.77 -1.32
CA LEU A 135 8.91 11.81 -2.05
C LEU A 135 9.10 12.21 -3.51
N PRO A 136 9.93 13.23 -3.77
CA PRO A 136 10.21 13.66 -5.13
C PRO A 136 10.97 12.57 -5.89
N THR A 137 11.86 11.90 -5.17
CA THR A 137 12.72 10.86 -5.74
C THR A 137 11.88 9.81 -6.46
N LEU A 138 10.83 9.36 -5.77
CA LEU A 138 9.95 8.33 -6.31
C LEU A 138 9.14 8.85 -7.51
N HIS A 139 8.94 10.15 -7.57
CA HIS A 139 8.11 10.75 -8.63
C HIS A 139 8.78 10.66 -10.00
N ILE A 140 10.05 11.05 -10.06
CA ILE A 140 10.81 11.02 -11.31
C ILE A 140 11.05 9.59 -11.76
N TRP A 141 11.31 8.71 -10.80
CA TRP A 141 11.57 7.30 -11.09
C TRP A 141 10.41 6.68 -11.85
N LEU A 142 9.20 7.14 -11.56
CA LEU A 142 8.01 6.64 -12.23
C LEU A 142 7.87 7.23 -13.63
N HIS A 143 8.88 7.98 -14.07
CA HIS A 143 8.88 8.58 -15.39
C HIS A 143 10.05 8.12 -16.25
N LEU A 144 10.96 7.37 -15.65
CA LEU A 144 12.09 6.81 -16.38
C LEU A 144 11.60 5.87 -17.46
N PRO A 145 12.41 5.67 -18.51
CA PRO A 145 12.06 4.70 -19.56
C PRO A 145 11.75 3.35 -18.94
N GLN A 146 10.74 2.66 -19.49
CA GLN A 146 10.28 1.39 -18.93
C GLN A 146 11.40 0.37 -18.74
N ALA A 147 12.19 0.15 -19.78
CA ALA A 147 13.27 -0.83 -19.74
C ALA A 147 14.16 -0.62 -18.52
N GLN A 148 14.26 0.63 -18.06
CA GLN A 148 15.08 0.96 -16.91
C GLN A 148 14.44 0.47 -15.61
N ARG A 149 13.20 0.88 -15.36
CA ARG A 149 12.47 0.40 -14.19
C ARG A 149 12.36 -1.11 -14.22
N ASP A 150 12.09 -1.67 -15.40
CA ASP A 150 12.05 -3.10 -15.58
C ASP A 150 13.34 -3.74 -15.07
N SER A 151 14.47 -3.25 -15.56
CA SER A 151 15.77 -3.75 -15.15
C SER A 151 15.95 -3.68 -13.65
N GLN A 152 15.73 -2.49 -13.08
CA GLN A 152 15.86 -2.30 -11.64
C GLN A 152 15.01 -3.29 -10.86
N VAL A 153 13.72 -3.32 -11.17
CA VAL A 153 12.81 -4.22 -10.48
C VAL A 153 13.25 -5.68 -10.61
N GLU A 154 13.76 -6.03 -11.79
CA GLU A 154 14.24 -7.38 -12.03
C GLU A 154 15.37 -7.75 -11.07
N THR A 155 16.44 -6.96 -11.10
CA THR A 155 17.60 -7.21 -10.24
C THR A 155 17.22 -7.17 -8.76
N TRP A 156 16.22 -6.38 -8.43
CA TRP A 156 15.72 -6.30 -7.06
C TRP A 156 15.05 -7.60 -6.64
N ILE A 157 14.22 -8.14 -7.52
CA ILE A 157 13.54 -9.40 -7.26
C ILE A 157 14.55 -10.56 -7.25
N ALA A 158 15.50 -10.49 -8.17
CA ALA A 158 16.51 -11.55 -8.31
C ALA A 158 17.42 -11.66 -7.10
N SER A 159 17.59 -10.55 -6.38
CA SER A 159 18.44 -10.53 -5.20
C SER A 159 17.87 -11.43 -4.10
N LEU A 160 16.61 -11.81 -4.26
CA LEU A 160 15.94 -12.66 -3.28
C LEU A 160 15.75 -14.09 -3.81
N ASN A 161 16.27 -14.36 -5.00
CA ASN A 161 16.14 -15.69 -5.60
C ASN A 161 16.65 -16.83 -4.73
N PRO A 162 17.85 -16.67 -4.13
CA PRO A 162 18.35 -17.73 -3.24
C PRO A 162 17.35 -18.05 -2.14
N LEU A 163 16.73 -17.01 -1.59
CA LEU A 163 15.72 -17.16 -0.55
C LEU A 163 14.42 -17.73 -1.12
N THR A 164 13.92 -17.10 -2.16
CA THR A 164 12.64 -17.48 -2.76
C THR A 164 12.58 -18.96 -3.15
N GLN A 165 13.68 -19.47 -3.69
CA GLN A 165 13.73 -20.85 -4.13
C GLN A 165 13.71 -21.82 -2.94
N ALA A 166 14.64 -21.63 -2.01
CA ALA A 166 14.73 -22.50 -0.84
C ALA A 166 13.44 -22.47 -0.02
N LEU A 167 12.83 -21.29 0.07
CA LEU A 167 11.60 -21.13 0.84
C LEU A 167 10.43 -21.87 0.20
N THR A 168 10.34 -21.79 -1.12
CA THR A 168 9.26 -22.45 -1.86
C THR A 168 9.30 -23.96 -1.65
N MET A 169 10.48 -24.54 -1.83
CA MET A 169 10.65 -25.99 -1.66
C MET A 169 10.23 -26.42 -0.26
N VAL A 170 10.77 -25.74 0.75
CA VAL A 170 10.45 -26.06 2.14
C VAL A 170 8.95 -26.07 2.38
N LEU A 171 8.28 -24.98 1.98
CA LEU A 171 6.84 -24.86 2.16
C LEU A 171 6.07 -25.89 1.33
N ASP A 172 6.56 -26.14 0.12
CA ASP A 172 5.95 -27.15 -0.74
C ASP A 172 5.98 -28.50 -0.06
N LEU A 173 7.19 -28.99 0.22
CA LEU A 173 7.38 -30.27 0.89
C LEU A 173 6.52 -30.41 2.13
N ILE A 174 6.49 -29.37 2.95
CA ILE A 174 5.74 -29.40 4.20
C ILE A 174 4.24 -29.59 3.94
N ARG A 175 3.72 -28.92 2.92
CA ARG A 175 2.31 -29.05 2.57
C ARG A 175 2.00 -30.42 1.97
N GLN A 176 3.03 -31.09 1.45
CA GLN A 176 2.87 -32.37 0.77
C GLN A 176 2.97 -33.55 1.73
N SER A 177 3.47 -33.31 2.94
CA SER A 177 3.79 -34.39 3.87
C SER A 177 2.61 -34.80 4.75
N ALA A 178 1.42 -34.29 4.46
CA ALA A 178 0.23 -34.62 5.23
C ALA A 178 -1.05 -34.22 4.51
N PRO A 179 -1.84 -35.22 4.08
CA PRO A 179 -3.07 -35.00 3.33
C PRO A 179 -4.20 -34.45 4.21
N PHE A 180 -5.24 -33.92 3.57
CA PHE A 180 -6.41 -33.42 4.29
C PHE A 180 -7.30 -34.58 4.72
N ARG A 181 -7.82 -34.50 5.94
CA ARG A 181 -8.71 -35.51 6.46
C ARG A 181 -9.99 -34.89 7.02
N LYS A 182 -11.13 -35.43 6.63
CA LYS A 182 -12.41 -34.95 7.11
C LYS A 182 -12.47 -35.01 8.62
N GLN A 183 -13.04 -33.98 9.23
CA GLN A 183 -13.11 -33.89 10.68
C GLN A 183 -14.43 -33.24 11.10
N THR A 184 -14.84 -33.46 12.34
CA THR A 184 -16.11 -32.92 12.82
C THR A 184 -15.94 -32.08 14.08
N SER A 185 -16.54 -30.90 14.07
CA SER A 185 -16.53 -30.01 15.24
C SER A 185 -17.84 -30.13 15.99
N LEU A 186 -17.78 -29.96 17.32
CA LEU A 186 -18.98 -30.03 18.14
C LEU A 186 -19.19 -28.72 18.89
N ASN A 187 -20.34 -28.08 18.63
CA ASN A 187 -20.63 -26.78 19.20
C ASN A 187 -19.58 -25.75 18.82
N GLY A 188 -19.10 -25.85 17.59
CA GLY A 188 -18.12 -24.90 17.07
C GLY A 188 -16.80 -24.92 17.81
N PHE A 189 -16.40 -26.08 18.30
CA PHE A 189 -15.13 -26.22 19.00
C PHE A 189 -14.40 -27.51 18.60
N TYR A 190 -13.08 -27.42 18.53
CA TYR A 190 -12.25 -28.56 18.14
C TYR A 190 -10.88 -28.47 18.79
N GLN A 191 -10.32 -29.61 19.16
CA GLN A 191 -9.00 -29.64 19.77
C GLN A 191 -8.32 -30.99 19.61
N ASP A 192 -7.00 -30.98 19.47
CA ASP A 192 -6.23 -32.20 19.31
C ASP A 192 -4.75 -31.92 19.57
N ASN A 193 -3.92 -32.93 19.36
CA ASN A 193 -2.48 -32.78 19.56
C ASN A 193 -1.77 -32.67 18.21
N GLY A 194 -1.01 -31.60 18.03
CA GLY A 194 -0.31 -31.35 16.78
C GLY A 194 0.90 -32.21 16.57
N GLY A 195 1.68 -32.39 17.63
CA GLY A 195 2.90 -33.19 17.57
C GLY A 195 4.03 -32.44 16.89
N ASP A 196 4.63 -33.05 15.88
CA ASP A 196 5.72 -32.43 15.14
C ASP A 196 5.21 -31.77 13.87
N ALA A 197 4.21 -30.91 14.02
CA ALA A 197 3.62 -30.21 12.88
C ALA A 197 3.91 -28.71 12.97
N ASP A 198 4.25 -28.12 11.83
CA ASP A 198 4.58 -26.69 11.78
C ASP A 198 3.42 -25.88 11.22
N LEU A 199 2.46 -26.57 10.61
CA LEU A 199 1.39 -25.89 9.89
C LEU A 199 0.05 -26.61 9.99
N LEU A 200 -1.01 -25.85 10.22
CA LEU A 200 -2.36 -26.38 10.17
C LEU A 200 -3.04 -25.93 8.89
N ARG A 201 -3.59 -26.88 8.15
CA ARG A 201 -4.32 -26.57 6.92
C ARG A 201 -5.78 -26.95 7.06
N LEU A 202 -6.64 -25.95 7.15
CA LEU A 202 -8.06 -26.19 7.38
C LEU A 202 -8.90 -25.68 6.22
N ASN A 203 -9.76 -26.56 5.68
CA ASN A 203 -10.69 -26.18 4.63
C ASN A 203 -12.12 -26.07 5.13
N LEU A 204 -12.69 -24.88 5.04
CA LEU A 204 -14.03 -24.63 5.53
C LEU A 204 -14.94 -24.20 4.38
N SER A 205 -16.19 -24.68 4.41
CA SER A 205 -17.16 -24.31 3.38
C SER A 205 -17.63 -22.87 3.60
N LEU A 206 -17.60 -22.08 2.52
CA LEU A 206 -17.97 -20.68 2.60
C LEU A 206 -19.38 -20.50 3.17
N ASP A 207 -20.29 -21.38 2.77
CA ASP A 207 -21.68 -21.28 3.18
C ASP A 207 -21.93 -21.79 4.61
N SER A 208 -20.86 -21.84 5.40
CA SER A 208 -20.99 -22.24 6.80
C SER A 208 -21.19 -21.01 7.68
N GLN A 209 -20.98 -19.83 7.09
CA GLN A 209 -21.10 -18.56 7.79
C GLN A 209 -20.15 -18.49 9.00
N LEU A 210 -19.25 -19.46 9.10
CA LEU A 210 -18.33 -19.54 10.23
C LEU A 210 -16.90 -19.19 9.84
N TYR A 211 -16.16 -18.63 10.79
CA TYR A 211 -14.73 -18.38 10.60
C TYR A 211 -13.94 -19.02 11.74
N PRO A 212 -12.84 -19.69 11.40
CA PRO A 212 -12.03 -20.43 12.38
C PRO A 212 -11.15 -19.54 13.23
N GLN A 213 -11.26 -19.68 14.55
CA GLN A 213 -10.38 -18.98 15.48
C GLN A 213 -9.34 -19.95 16.00
N ILE A 214 -8.28 -20.14 15.23
CA ILE A 214 -7.25 -21.12 15.57
C ILE A 214 -6.26 -20.56 16.57
N SER A 215 -6.12 -21.25 17.70
CA SER A 215 -5.15 -20.86 18.72
C SER A 215 -4.10 -21.95 18.86
N GLY A 216 -2.87 -21.55 19.17
CA GLY A 216 -1.77 -22.49 19.29
C GLY A 216 -0.98 -22.30 20.58
N HIS A 217 -0.46 -23.40 21.10
CA HIS A 217 0.39 -23.39 22.28
C HIS A 217 1.01 -24.76 22.47
N LYS A 218 2.30 -24.77 22.84
CA LYS A 218 3.06 -26.01 22.95
C LYS A 218 2.76 -27.01 21.82
N SER A 219 2.35 -28.21 22.19
CA SER A 219 2.18 -29.30 21.23
C SER A 219 0.73 -29.53 20.82
N ARG A 220 -0.18 -28.65 21.22
CA ARG A 220 -1.59 -28.82 20.90
C ARG A 220 -2.26 -27.55 20.40
N PHE A 221 -3.30 -27.71 19.59
CA PHE A 221 -4.02 -26.59 19.02
C PHE A 221 -5.51 -26.65 19.35
N ALA A 222 -6.20 -25.52 19.19
CA ALA A 222 -7.63 -25.45 19.47
C ALA A 222 -8.34 -24.56 18.45
N ILE A 223 -9.27 -25.16 17.69
CA ILE A 223 -10.05 -24.42 16.72
C ILE A 223 -11.39 -24.01 17.32
N ARG A 224 -11.76 -22.76 17.12
CA ARG A 224 -13.07 -22.28 17.57
C ARG A 224 -13.84 -21.63 16.42
N PHE A 225 -14.81 -22.35 15.88
CA PHE A 225 -15.63 -21.85 14.79
C PHE A 225 -16.65 -20.83 15.29
N MET A 226 -16.54 -19.60 14.81
CA MET A 226 -17.42 -18.53 15.24
C MET A 226 -18.17 -17.93 14.05
N PRO A 227 -19.45 -17.60 14.24
CA PRO A 227 -20.28 -17.06 13.16
C PRO A 227 -19.80 -15.67 12.72
N LEU A 228 -19.97 -15.38 11.43
CA LEU A 228 -19.62 -14.07 10.89
C LEU A 228 -20.67 -13.05 11.32
N ASP A 229 -21.84 -13.55 11.70
CA ASP A 229 -22.97 -12.69 12.03
C ASP A 229 -22.85 -12.10 13.43
N SER A 230 -21.63 -12.06 13.95
CA SER A 230 -21.36 -11.47 15.27
C SER A 230 -22.38 -11.86 16.32
N GLU A 231 -22.39 -13.14 16.68
CA GLU A 231 -23.29 -13.65 17.72
C GLU A 231 -24.75 -13.29 17.47
N ASN A 232 -25.11 -13.11 16.20
CA ASN A 232 -26.50 -12.91 15.81
C ASN A 232 -26.99 -14.14 15.06
N GLY A 233 -26.07 -14.82 14.40
CA GLY A 233 -26.32 -16.13 13.82
C GLY A 233 -25.98 -17.18 14.86
N GLN A 234 -26.11 -18.44 14.51
CA GLN A 234 -25.85 -19.51 15.47
C GLN A 234 -24.81 -20.52 14.98
N VAL A 235 -24.26 -21.28 15.92
CA VAL A 235 -23.25 -22.29 15.61
C VAL A 235 -23.87 -23.68 15.58
N PRO A 236 -23.67 -24.42 14.48
CA PRO A 236 -24.25 -25.75 14.31
C PRO A 236 -23.73 -26.73 15.37
N GLU A 237 -24.52 -27.76 15.65
CA GLU A 237 -24.12 -28.76 16.63
C GLU A 237 -22.84 -29.47 16.19
N ARG A 238 -22.79 -29.84 14.91
CA ARG A 238 -21.58 -30.43 14.35
C ARG A 238 -21.24 -29.86 12.98
N LEU A 239 -19.97 -29.56 12.77
CA LEU A 239 -19.49 -28.95 11.54
C LEU A 239 -18.42 -29.84 10.89
N ASP A 240 -18.67 -30.26 9.67
CA ASP A 240 -17.73 -31.11 8.94
C ASP A 240 -16.74 -30.28 8.13
N PHE A 241 -15.48 -30.31 8.55
CA PHE A 241 -14.42 -29.60 7.83
C PHE A 241 -13.25 -30.53 7.54
N GLU A 242 -12.25 -30.02 6.83
CA GLU A 242 -11.05 -30.78 6.52
C GLU A 242 -9.84 -30.19 7.21
N LEU A 243 -8.98 -31.03 7.76
CA LEU A 243 -7.83 -30.58 8.51
C LEU A 243 -6.59 -31.42 8.22
N ALA A 244 -5.47 -30.74 7.96
CA ALA A 244 -4.21 -31.41 7.69
C ALA A 244 -3.09 -30.83 8.55
N CYS A 245 -2.50 -31.66 9.40
CA CYS A 245 -1.38 -31.24 10.23
C CYS A 245 -0.06 -31.52 9.52
N CYS A 246 0.49 -30.48 8.89
CA CYS A 246 1.72 -30.62 8.12
C CYS A 246 2.95 -30.30 8.97
N GLN B 1 3.84 16.29 -21.39
CA GLN B 1 4.33 15.23 -22.27
C GLN B 1 5.83 15.04 -22.09
N THR B 2 6.54 16.13 -21.81
CA THR B 2 7.98 16.07 -21.61
C THR B 2 8.43 16.86 -20.38
N GLN B 3 7.49 17.16 -19.49
CA GLN B 3 7.80 17.87 -18.24
C GLN B 3 7.18 17.14 -17.06
N VAL B 4 7.87 17.18 -15.92
CA VAL B 4 7.39 16.56 -14.69
C VAL B 4 6.78 17.61 -13.75
N LEU B 5 5.65 17.27 -13.14
CA LEU B 5 4.94 18.20 -12.26
C LEU B 5 5.22 17.93 -10.79
N PHE B 6 5.82 18.92 -10.12
CA PHE B 6 6.09 18.84 -8.69
C PHE B 6 5.28 19.88 -7.92
N GLU B 7 4.74 19.47 -6.78
CA GLU B 7 3.98 20.39 -5.94
C GLU B 7 4.54 20.40 -4.51
N HIS B 8 4.38 21.52 -3.82
CA HIS B 8 4.88 21.67 -2.47
C HIS B 8 4.03 22.64 -1.65
N PRO B 9 3.50 22.18 -0.52
CA PRO B 9 2.71 23.02 0.39
C PRO B 9 3.58 24.02 1.14
N LEU B 10 3.19 25.29 1.09
CA LEU B 10 3.96 26.35 1.73
C LEU B 10 3.50 26.57 3.17
N ASN B 11 2.47 25.82 3.57
CA ASN B 11 1.95 25.88 4.92
C ASN B 11 1.31 24.55 5.33
N GLU B 12 1.28 24.30 6.64
CA GLU B 12 0.78 23.03 7.16
C GLU B 12 -0.64 22.73 6.66
N LYS B 13 -1.39 23.79 6.38
CA LYS B 13 -2.76 23.66 5.89
C LYS B 13 -2.79 22.96 4.54
N MET B 14 -2.11 23.54 3.56
CA MET B 14 -2.05 22.97 2.22
C MET B 14 -1.40 21.59 2.24
N ARG B 15 -0.59 21.33 3.26
CA ARG B 15 0.07 20.04 3.41
C ARG B 15 -0.93 18.95 3.76
N THR B 16 -1.89 19.29 4.61
CA THR B 16 -2.93 18.35 5.01
C THR B 16 -3.91 18.10 3.86
N TRP B 17 -4.08 19.11 3.01
CA TRP B 17 -4.98 18.99 1.87
C TRP B 17 -4.40 18.09 0.79
N LEU B 18 -3.14 18.33 0.44
CA LEU B 18 -2.46 17.51 -0.57
C LEU B 18 -2.42 16.05 -0.15
N ARG B 19 -2.25 15.81 1.14
CA ARG B 19 -2.19 14.46 1.68
C ARG B 19 -3.56 13.78 1.64
N ILE B 20 -4.57 14.46 2.17
CA ILE B 20 -5.93 13.93 2.18
C ILE B 20 -6.44 13.71 0.76
N GLU B 21 -6.02 14.58 -0.16
CA GLU B 21 -6.39 14.43 -1.57
C GLU B 21 -5.81 13.14 -2.13
N PHE B 22 -4.53 12.92 -1.87
CA PHE B 22 -3.82 11.75 -2.37
C PHE B 22 -4.42 10.45 -1.83
N LEU B 23 -4.59 10.38 -0.51
CA LEU B 23 -5.11 9.18 0.13
C LEU B 23 -6.49 8.81 -0.39
N ILE B 24 -7.30 9.82 -0.72
CA ILE B 24 -8.64 9.57 -1.25
C ILE B 24 -8.59 9.05 -2.69
N GLN B 25 -7.68 9.61 -3.48
CA GLN B 25 -7.49 9.16 -4.87
C GLN B 25 -7.13 7.69 -4.90
N GLN B 26 -6.27 7.28 -3.96
CA GLN B 26 -5.78 5.91 -3.91
C GLN B 26 -6.91 4.91 -3.71
N LEU B 27 -7.88 5.27 -2.89
CA LEU B 27 -8.99 4.38 -2.57
C LEU B 27 -9.67 3.82 -3.81
N THR B 28 -9.77 4.63 -4.85
CA THR B 28 -10.50 4.24 -6.06
C THR B 28 -9.58 3.81 -7.20
N VAL B 29 -8.29 3.70 -6.92
CA VAL B 29 -7.30 3.38 -7.95
C VAL B 29 -7.31 1.91 -8.36
N ASN B 30 -7.18 1.01 -7.40
CA ASN B 30 -7.04 -0.41 -7.69
C ASN B 30 -8.34 -1.21 -7.63
N LEU B 31 -9.47 -0.50 -7.63
CA LEU B 31 -10.77 -1.16 -7.59
C LEU B 31 -11.01 -1.96 -8.87
N PRO B 32 -11.77 -3.06 -8.76
CA PRO B 32 -12.39 -3.53 -7.52
C PRO B 32 -11.42 -4.33 -6.67
N ILE B 33 -11.80 -4.60 -5.43
CA ILE B 33 -10.97 -5.40 -4.53
C ILE B 33 -11.22 -6.88 -4.79
N VAL B 34 -10.17 -7.57 -5.27
CA VAL B 34 -10.29 -8.96 -5.66
C VAL B 34 -9.41 -9.88 -4.81
N ASP B 35 -8.18 -9.45 -4.59
CA ASP B 35 -7.22 -10.26 -3.85
C ASP B 35 -6.80 -9.60 -2.54
N HIS B 36 -5.92 -10.28 -1.81
CA HIS B 36 -5.47 -9.80 -0.51
C HIS B 36 -4.66 -8.52 -0.66
N ALA B 37 -3.87 -8.45 -1.72
CA ALA B 37 -3.05 -7.28 -2.00
C ALA B 37 -3.90 -6.03 -2.14
N GLY B 38 -4.96 -6.13 -2.95
CA GLY B 38 -5.86 -5.00 -3.16
C GLY B 38 -6.52 -4.52 -1.88
N ALA B 39 -6.93 -5.47 -1.04
CA ALA B 39 -7.58 -5.14 0.22
C ALA B 39 -6.66 -4.34 1.13
N LEU B 40 -5.42 -4.79 1.25
CA LEU B 40 -4.43 -4.10 2.07
C LEU B 40 -4.24 -2.66 1.60
N HIS B 41 -4.11 -2.48 0.29
CA HIS B 41 -3.93 -1.16 -0.28
C HIS B 41 -5.08 -0.23 0.10
N PHE B 42 -6.28 -0.78 0.17
CA PHE B 42 -7.46 0.01 0.48
C PHE B 42 -7.50 0.42 1.95
N PHE B 43 -7.57 -0.58 2.83
CA PHE B 43 -7.67 -0.33 4.26
C PHE B 43 -6.49 0.49 4.78
N ARG B 44 -5.33 0.29 4.18
CA ARG B 44 -4.14 1.05 4.57
C ARG B 44 -4.37 2.55 4.33
N ASN B 45 -4.77 2.90 3.11
CA ASN B 45 -5.08 4.28 2.78
C ASN B 45 -6.19 4.84 3.67
N VAL B 46 -7.24 4.05 3.86
CA VAL B 46 -8.32 4.45 4.74
C VAL B 46 -7.79 4.75 6.14
N SER B 47 -6.89 3.89 6.60
CA SER B 47 -6.29 4.05 7.93
C SER B 47 -5.51 5.36 8.05
N GLU B 48 -4.77 5.69 6.99
CA GLU B 48 -3.99 6.93 6.98
C GLU B 48 -4.89 8.15 7.09
N LEU B 49 -6.01 8.12 6.36
CA LEU B 49 -7.00 9.19 6.43
C LEU B 49 -7.54 9.36 7.84
N LEU B 50 -7.79 8.24 8.51
CA LEU B 50 -8.31 8.25 9.87
C LEU B 50 -7.25 8.73 10.86
N ASP B 51 -5.99 8.62 10.48
CA ASP B 51 -4.90 9.09 11.32
C ASP B 51 -4.79 10.61 11.28
N VAL B 52 -4.98 11.18 10.10
CA VAL B 52 -4.90 12.63 9.93
C VAL B 52 -6.17 13.32 10.40
N PHE B 53 -7.28 12.59 10.38
CA PHE B 53 -8.56 13.14 10.83
C PHE B 53 -8.57 13.37 12.35
N GLU B 54 -7.93 12.45 13.08
CA GLU B 54 -7.86 12.57 14.54
C GLU B 54 -7.17 13.86 14.97
N ARG B 55 -6.08 14.19 14.29
CA ARG B 55 -5.26 15.34 14.67
C ARG B 55 -6.08 16.62 14.88
N GLY B 56 -6.98 16.90 13.96
CA GLY B 56 -7.81 18.09 14.06
C GLY B 56 -9.02 18.05 13.14
N GLU B 57 -9.88 19.05 13.26
CA GLU B 57 -11.07 19.14 12.43
C GLU B 57 -10.76 19.76 11.07
N VAL B 58 -10.77 18.94 10.03
CA VAL B 58 -10.51 19.40 8.67
C VAL B 58 -11.74 20.09 8.10
N ARG B 59 -12.89 19.85 8.71
CA ARG B 59 -14.15 20.44 8.25
C ARG B 59 -14.10 21.96 8.29
N THR B 60 -13.90 22.51 9.49
CA THR B 60 -13.89 23.96 9.69
C THR B 60 -12.98 24.67 8.70
N GLU B 61 -11.73 24.26 8.65
CA GLU B 61 -10.74 24.92 7.80
C GLU B 61 -11.05 24.77 6.32
N LEU B 62 -11.78 23.72 5.96
CA LEU B 62 -12.14 23.48 4.57
C LEU B 62 -13.35 24.33 4.18
N LEU B 63 -14.22 24.59 5.15
CA LEU B 63 -15.35 25.49 4.94
C LEU B 63 -14.83 26.91 4.78
N LYS B 64 -13.89 27.27 5.66
CA LYS B 64 -13.24 28.57 5.61
C LYS B 64 -12.72 28.88 4.20
N GLU B 65 -12.12 27.88 3.57
CA GLU B 65 -11.54 28.07 2.25
C GLU B 65 -12.61 28.15 1.16
N LEU B 66 -13.67 27.37 1.31
CA LEU B 66 -14.78 27.40 0.36
C LEU B 66 -15.34 28.82 0.26
N ASP B 67 -15.37 29.53 1.37
CA ASP B 67 -15.84 30.91 1.39
C ASP B 67 -14.78 31.85 0.84
N ARG B 68 -13.52 31.59 1.21
CA ARG B 68 -12.40 32.38 0.71
C ARG B 68 -12.39 32.36 -0.82
N GLN B 69 -12.67 31.20 -1.39
CA GLN B 69 -12.70 31.03 -2.84
C GLN B 69 -13.93 31.71 -3.45
N GLN B 70 -15.04 31.71 -2.71
CA GLN B 70 -16.26 32.37 -3.16
C GLN B 70 -16.04 33.87 -3.31
N ARG B 71 -15.14 34.41 -2.49
CA ARG B 71 -14.84 35.83 -2.53
C ARG B 71 -13.84 36.15 -3.65
N LYS B 72 -12.87 35.26 -3.84
CA LYS B 72 -11.91 35.41 -4.93
C LYS B 72 -12.60 35.38 -6.28
N LEU B 73 -13.66 34.58 -6.39
CA LEU B 73 -14.39 34.44 -7.64
C LEU B 73 -15.20 35.69 -7.98
N GLN B 74 -15.79 36.30 -6.97
CA GLN B 74 -16.67 37.45 -7.19
C GLN B 74 -15.92 38.74 -7.49
N THR B 75 -14.62 38.77 -7.24
CA THR B 75 -13.81 39.94 -7.56
C THR B 75 -13.50 39.98 -9.05
N TRP B 76 -13.93 38.94 -9.77
CA TRP B 76 -13.66 38.86 -11.20
C TRP B 76 -14.85 39.23 -12.07
N ILE B 77 -15.98 39.54 -11.43
CA ILE B 77 -17.15 40.00 -12.17
C ILE B 77 -16.98 41.45 -12.62
N GLY B 78 -17.26 41.70 -13.89
CA GLY B 78 -17.09 43.03 -14.47
C GLY B 78 -15.85 43.10 -15.35
N VAL B 79 -14.78 42.46 -14.93
CA VAL B 79 -13.53 42.45 -15.69
C VAL B 79 -13.77 42.02 -17.14
N PRO B 80 -13.50 42.93 -18.08
CA PRO B 80 -13.69 42.65 -19.51
C PRO B 80 -12.96 41.39 -19.96
N GLY B 81 -13.68 40.46 -20.57
CA GLY B 81 -13.08 39.23 -21.06
C GLY B 81 -13.39 38.02 -20.21
N VAL B 82 -13.92 38.26 -19.02
CA VAL B 82 -14.25 37.17 -18.10
C VAL B 82 -15.56 36.50 -18.49
N ASP B 83 -15.56 35.17 -18.51
CA ASP B 83 -16.76 34.40 -18.78
C ASP B 83 -17.56 34.26 -17.49
N GLN B 84 -18.31 35.30 -17.16
CA GLN B 84 -19.02 35.37 -15.88
C GLN B 84 -20.05 34.26 -15.72
N SER B 85 -20.46 33.65 -16.82
CA SER B 85 -21.40 32.54 -16.78
C SER B 85 -20.76 31.35 -16.06
N ARG B 86 -19.44 31.21 -16.22
CA ARG B 86 -18.71 30.12 -15.59
C ARG B 86 -18.48 30.42 -14.10
N ILE B 87 -18.30 31.69 -13.78
CA ILE B 87 -18.03 32.11 -12.40
C ILE B 87 -19.20 31.80 -11.48
N GLU B 88 -20.39 32.24 -11.86
CA GLU B 88 -21.59 32.03 -11.05
C GLU B 88 -21.83 30.54 -10.78
N ALA B 89 -21.44 29.71 -11.74
CA ALA B 89 -21.55 28.26 -11.58
C ALA B 89 -20.67 27.79 -10.42
N LEU B 90 -19.38 28.12 -10.50
CA LEU B 90 -18.42 27.75 -9.47
C LEU B 90 -18.85 28.26 -8.08
N ILE B 91 -19.28 29.51 -8.02
CA ILE B 91 -19.69 30.10 -6.75
C ILE B 91 -20.84 29.34 -6.12
N GLN B 92 -21.69 28.74 -6.96
CA GLN B 92 -22.79 27.92 -6.48
C GLN B 92 -22.31 26.54 -6.05
N GLN B 93 -21.42 25.96 -6.85
CA GLN B 93 -20.84 24.66 -6.53
C GLN B 93 -20.14 24.73 -5.18
N LEU B 94 -19.44 25.83 -4.94
CA LEU B 94 -18.77 26.06 -3.67
C LEU B 94 -19.78 26.07 -2.52
N LYS B 95 -20.86 26.82 -2.70
CA LYS B 95 -21.91 26.90 -1.69
C LYS B 95 -22.61 25.56 -1.50
N ALA B 96 -22.82 24.85 -2.60
CA ALA B 96 -23.41 23.52 -2.55
C ALA B 96 -22.55 22.58 -1.72
N ALA B 97 -21.27 22.51 -2.06
CA ALA B 97 -20.33 21.69 -1.31
C ALA B 97 -20.22 22.16 0.12
N GLY B 98 -20.46 23.45 0.34
CA GLY B 98 -20.42 24.03 1.67
C GLY B 98 -21.51 23.47 2.56
N SER B 99 -22.75 23.49 2.06
CA SER B 99 -23.88 22.96 2.80
C SER B 99 -23.72 21.45 3.02
N VAL B 100 -23.41 20.74 1.93
CA VAL B 100 -23.23 19.29 1.99
C VAL B 100 -22.20 18.91 3.05
N LEU B 101 -21.12 19.68 3.12
CA LEU B 101 -20.05 19.41 4.09
C LEU B 101 -20.52 19.64 5.53
N ILE B 102 -21.45 20.59 5.69
CA ILE B 102 -21.98 20.92 7.02
C ILE B 102 -23.03 19.92 7.49
N SER B 103 -23.98 19.62 6.62
CA SER B 103 -25.08 18.71 6.97
C SER B 103 -24.60 17.30 7.27
N ALA B 104 -23.54 16.89 6.59
CA ALA B 104 -23.01 15.53 6.73
C ALA B 104 -22.47 15.28 8.13
N PRO B 105 -22.44 14.01 8.56
CA PRO B 105 -21.89 13.63 9.86
C PRO B 105 -20.38 13.78 9.91
N ARG B 106 -19.81 13.71 11.11
CA ARG B 106 -18.38 13.86 11.31
C ARG B 106 -17.57 13.12 10.25
N ILE B 107 -16.47 13.72 9.81
CA ILE B 107 -15.67 13.19 8.72
C ILE B 107 -15.08 11.82 9.05
N GLY B 108 -15.32 10.86 8.16
CA GLY B 108 -14.75 9.53 8.29
C GLY B 108 -15.35 8.71 9.43
N GLN B 109 -16.37 9.27 10.08
CA GLN B 109 -16.99 8.60 11.21
C GLN B 109 -17.56 7.24 10.81
N PHE B 110 -18.19 7.18 9.64
CA PHE B 110 -18.76 5.94 9.15
C PHE B 110 -17.70 4.87 8.94
N LEU B 111 -16.49 5.29 8.59
CA LEU B 111 -15.39 4.36 8.39
C LEU B 111 -14.83 3.88 9.73
N ARG B 112 -14.80 4.77 10.71
CA ARG B 112 -14.30 4.44 12.04
C ARG B 112 -15.17 3.41 12.73
N GLU B 113 -16.47 3.51 12.51
CA GLU B 113 -17.43 2.61 13.17
C GLU B 113 -17.45 1.23 12.53
N ASP B 114 -16.93 1.13 11.31
CA ASP B 114 -16.94 -0.14 10.57
C ASP B 114 -16.11 -1.20 11.29
N ARG B 115 -16.76 -2.30 11.65
CA ARG B 115 -16.11 -3.38 12.39
C ARG B 115 -14.89 -3.93 11.66
N LEU B 116 -15.04 -4.18 10.36
CA LEU B 116 -13.98 -4.77 9.56
C LEU B 116 -12.76 -3.87 9.52
N ILE B 117 -12.95 -2.62 9.11
CA ILE B 117 -11.86 -1.66 9.01
C ILE B 117 -11.15 -1.50 10.35
N ALA B 118 -11.91 -1.60 11.44
CA ALA B 118 -11.35 -1.48 12.78
C ALA B 118 -10.32 -2.57 13.05
N LEU B 119 -10.68 -3.81 12.73
CA LEU B 119 -9.78 -4.94 12.94
C LEU B 119 -8.53 -4.84 12.08
N VAL B 120 -8.71 -4.42 10.83
CA VAL B 120 -7.60 -4.33 9.89
C VAL B 120 -6.58 -3.25 10.30
N ARG B 121 -7.07 -2.15 10.83
CA ARG B 121 -6.20 -1.06 11.28
C ARG B 121 -5.24 -1.53 12.37
N GLN B 122 -5.75 -2.34 13.28
CA GLN B 122 -4.97 -2.81 14.41
C GLN B 122 -3.69 -3.53 13.98
N ARG B 123 -3.76 -4.23 12.84
CA ARG B 123 -2.65 -5.05 12.40
C ARG B 123 -1.83 -4.43 11.27
N LEU B 124 -2.09 -3.15 10.98
CA LEU B 124 -1.31 -2.44 9.98
C LEU B 124 0.02 -1.97 10.56
N SER B 125 0.04 -1.77 11.87
CA SER B 125 1.26 -1.33 12.56
C SER B 125 2.26 -2.47 12.68
N ILE B 126 1.79 -3.71 12.45
CA ILE B 126 2.65 -4.89 12.49
C ILE B 126 3.10 -5.26 11.08
N PRO B 127 4.42 -5.37 10.87
CA PRO B 127 5.01 -5.63 9.56
C PRO B 127 4.26 -6.69 8.76
N GLY B 128 4.31 -7.94 9.21
CA GLY B 128 3.61 -9.01 8.53
C GLY B 128 2.37 -9.44 9.28
N GLY B 129 1.65 -8.50 9.87
CA GLY B 129 0.54 -8.83 10.74
C GLY B 129 -0.81 -8.92 10.05
N CYS B 130 -0.85 -8.64 8.75
CA CYS B 130 -2.11 -8.64 8.02
C CYS B 130 -2.33 -9.92 7.21
N CYS B 131 -1.74 -11.01 7.67
CA CYS B 131 -1.88 -12.29 6.99
C CYS B 131 -3.23 -12.92 7.26
N SER B 132 -3.46 -14.09 6.66
CA SER B 132 -4.73 -14.80 6.80
C SER B 132 -4.94 -15.28 8.23
N PHE B 133 -3.91 -15.91 8.80
CA PHE B 133 -3.99 -16.43 10.17
C PHE B 133 -4.10 -15.30 11.18
N ASP B 134 -3.89 -14.08 10.73
CA ASP B 134 -4.02 -12.91 11.59
C ASP B 134 -5.36 -12.23 11.36
N LEU B 135 -5.86 -12.29 10.12
CA LEU B 135 -7.12 -11.66 9.76
C LEU B 135 -8.04 -12.65 9.04
N PRO B 136 -8.63 -13.59 9.80
CA PRO B 136 -9.55 -14.59 9.25
C PRO B 136 -10.76 -13.93 8.61
N THR B 137 -11.38 -13.00 9.35
CA THR B 137 -12.56 -12.28 8.87
C THR B 137 -12.30 -11.65 7.50
N LEU B 138 -11.12 -11.07 7.33
CA LEU B 138 -10.75 -10.45 6.07
C LEU B 138 -10.56 -11.50 4.98
N HIS B 139 -10.13 -12.69 5.37
CA HIS B 139 -9.91 -13.77 4.42
C HIS B 139 -11.24 -14.30 3.89
N ILE B 140 -12.23 -14.43 4.77
CA ILE B 140 -13.57 -14.80 4.35
C ILE B 140 -14.15 -13.71 3.47
N TRP B 141 -13.99 -12.47 3.91
CA TRP B 141 -14.52 -11.32 3.19
C TRP B 141 -14.01 -11.27 1.75
N LEU B 142 -12.83 -11.84 1.53
CA LEU B 142 -12.22 -11.85 0.19
C LEU B 142 -12.63 -13.06 -0.64
N HIS B 143 -13.50 -13.90 -0.07
CA HIS B 143 -14.00 -15.07 -0.80
C HIS B 143 -15.48 -14.95 -1.10
N LEU B 144 -16.13 -13.94 -0.52
CA LEU B 144 -17.53 -13.67 -0.80
C LEU B 144 -17.70 -13.24 -2.25
N PRO B 145 -18.94 -13.31 -2.77
CA PRO B 145 -19.22 -12.86 -4.14
C PRO B 145 -18.65 -11.47 -4.38
N GLN B 146 -18.13 -11.24 -5.59
CA GLN B 146 -17.51 -9.96 -5.93
C GLN B 146 -18.47 -8.79 -5.73
N ALA B 147 -19.74 -9.03 -5.99
CA ALA B 147 -20.76 -7.98 -5.88
C ALA B 147 -20.85 -7.40 -4.48
N GLN B 148 -20.75 -8.28 -3.48
CA GLN B 148 -20.85 -7.84 -2.09
C GLN B 148 -19.71 -6.89 -1.71
N ARG B 149 -18.50 -7.21 -2.15
CA ARG B 149 -17.33 -6.38 -1.86
C ARG B 149 -17.47 -5.00 -2.51
N ASP B 150 -17.82 -4.98 -3.80
CA ASP B 150 -18.03 -3.72 -4.51
C ASP B 150 -19.09 -2.90 -3.79
N SER B 151 -20.08 -3.59 -3.23
CA SER B 151 -21.16 -2.93 -2.51
C SER B 151 -20.64 -2.18 -1.28
N GLN B 152 -19.90 -2.87 -0.43
CA GLN B 152 -19.35 -2.27 0.78
C GLN B 152 -18.31 -1.20 0.46
N VAL B 153 -17.43 -1.49 -0.49
CA VAL B 153 -16.39 -0.54 -0.89
C VAL B 153 -17.00 0.76 -1.38
N GLU B 154 -17.96 0.65 -2.31
CA GLU B 154 -18.67 1.82 -2.82
C GLU B 154 -19.19 2.68 -1.67
N THR B 155 -19.81 2.03 -0.70
CA THR B 155 -20.37 2.72 0.47
C THR B 155 -19.28 3.43 1.26
N TRP B 156 -18.22 2.70 1.57
CA TRP B 156 -17.09 3.26 2.32
C TRP B 156 -16.57 4.53 1.66
N ILE B 157 -16.39 4.48 0.34
CA ILE B 157 -15.87 5.61 -0.41
C ILE B 157 -16.88 6.75 -0.48
N ALA B 158 -18.16 6.38 -0.58
CA ALA B 158 -19.23 7.37 -0.68
C ALA B 158 -19.32 8.25 0.56
N SER B 159 -19.02 7.69 1.72
CA SER B 159 -19.13 8.41 2.98
C SER B 159 -18.14 9.58 3.06
N LEU B 160 -17.20 9.63 2.13
CA LEU B 160 -16.21 10.70 2.10
C LEU B 160 -16.56 11.76 1.05
N ASN B 161 -17.64 11.53 0.31
CA ASN B 161 -18.06 12.46 -0.73
C ASN B 161 -18.14 13.92 -0.29
N PRO B 162 -18.77 14.18 0.87
CA PRO B 162 -18.83 15.55 1.39
C PRO B 162 -17.46 16.19 1.48
N LEU B 163 -16.47 15.42 1.91
CA LEU B 163 -15.09 15.90 1.99
C LEU B 163 -14.45 15.95 0.61
N THR B 164 -14.65 14.89 -0.15
CA THR B 164 -14.08 14.78 -1.49
C THR B 164 -14.52 15.92 -2.40
N GLN B 165 -15.78 16.32 -2.29
CA GLN B 165 -16.32 17.40 -3.11
C GLN B 165 -15.65 18.73 -2.82
N ALA B 166 -15.73 19.17 -1.58
CA ALA B 166 -15.15 20.44 -1.16
C ALA B 166 -13.64 20.47 -1.42
N LEU B 167 -12.98 19.36 -1.12
CA LEU B 167 -11.52 19.28 -1.27
C LEU B 167 -11.09 19.44 -2.72
N THR B 168 -11.65 18.63 -3.60
CA THR B 168 -11.28 18.65 -5.01
C THR B 168 -11.57 19.98 -5.68
N MET B 169 -12.54 20.72 -5.14
CA MET B 169 -12.92 22.00 -5.72
C MET B 169 -12.00 23.12 -5.25
N VAL B 170 -11.66 23.11 -3.97
CA VAL B 170 -10.73 24.09 -3.42
C VAL B 170 -9.37 24.00 -4.13
N LEU B 171 -8.79 22.81 -4.12
CA LEU B 171 -7.48 22.59 -4.72
C LEU B 171 -7.49 22.88 -6.23
N ASP B 172 -8.57 22.49 -6.90
CA ASP B 172 -8.68 22.70 -8.33
C ASP B 172 -8.68 24.20 -8.66
N LEU B 173 -9.37 24.98 -7.83
CA LEU B 173 -9.42 26.42 -8.00
C LEU B 173 -8.05 27.04 -7.76
N ILE B 174 -7.44 26.70 -6.63
CA ILE B 174 -6.12 27.24 -6.28
C ILE B 174 -5.07 26.92 -7.35
N ARG B 175 -5.14 25.72 -7.91
CA ARG B 175 -4.18 25.29 -8.91
C ARG B 175 -4.23 26.11 -10.20
N GLN B 176 -5.41 26.65 -10.50
CA GLN B 176 -5.61 27.39 -11.75
C GLN B 176 -5.60 28.90 -11.55
N SER B 177 -5.67 29.33 -10.30
CA SER B 177 -5.69 30.76 -9.98
C SER B 177 -4.42 31.47 -10.44
N ALA B 178 -3.30 30.74 -10.46
CA ALA B 178 -2.02 31.33 -10.87
C ALA B 178 -1.39 30.57 -12.03
N PRO B 179 -0.85 31.31 -13.00
CA PRO B 179 -0.19 30.72 -14.18
C PRO B 179 1.27 30.36 -13.90
N PHE B 180 1.87 29.60 -14.81
CA PHE B 180 3.27 29.19 -14.67
C PHE B 180 4.23 30.24 -15.24
N ARG B 181 4.97 30.89 -14.36
CA ARG B 181 5.97 31.86 -14.77
C ARG B 181 7.31 31.17 -15.01
N LYS B 182 7.89 31.38 -16.18
CA LYS B 182 9.15 30.73 -16.53
C LYS B 182 10.32 31.27 -15.72
N GLN B 183 11.16 30.36 -15.25
CA GLN B 183 12.32 30.72 -14.44
C GLN B 183 13.58 30.03 -14.93
N THR B 184 14.73 30.42 -14.37
CA THR B 184 16.00 29.81 -14.72
C THR B 184 16.92 29.76 -13.50
N SER B 185 17.10 28.58 -12.94
CA SER B 185 17.95 28.39 -11.78
C SER B 185 19.35 27.93 -12.19
N LEU B 186 20.34 28.78 -11.91
CA LEU B 186 21.72 28.41 -12.22
C LEU B 186 22.40 27.74 -11.03
N ASN B 187 23.32 26.83 -11.32
CA ASN B 187 24.04 26.10 -10.29
C ASN B 187 23.14 25.25 -9.40
N GLY B 188 21.88 25.08 -9.81
CA GLY B 188 20.92 24.29 -9.06
C GLY B 188 20.45 24.94 -7.78
N PHE B 189 20.16 26.24 -7.84
CA PHE B 189 19.66 26.98 -6.68
C PHE B 189 18.68 28.07 -7.09
N TYR B 190 17.58 28.17 -6.36
CA TYR B 190 16.56 29.19 -6.63
C TYR B 190 16.01 29.80 -5.35
N GLN B 191 15.78 31.10 -5.38
CA GLN B 191 15.28 31.82 -4.20
C GLN B 191 14.34 32.97 -4.61
N ASP B 192 13.10 32.90 -4.12
CA ASP B 192 12.11 33.91 -4.44
C ASP B 192 11.09 34.04 -3.31
N ASN B 193 10.19 35.02 -3.42
CA ASN B 193 9.16 35.22 -2.41
C ASN B 193 7.83 34.59 -2.84
N GLY B 194 7.19 33.90 -1.91
CA GLY B 194 5.90 33.28 -2.20
C GLY B 194 4.75 34.23 -1.97
N GLY B 195 4.83 35.01 -0.90
CA GLY B 195 3.79 35.95 -0.56
C GLY B 195 2.59 35.27 0.09
N ASP B 196 1.40 35.60 -0.38
CA ASP B 196 0.18 34.95 0.11
C ASP B 196 -0.05 33.64 -0.62
N ALA B 197 0.99 32.83 -0.70
CA ALA B 197 0.92 31.57 -1.44
C ALA B 197 0.72 30.38 -0.50
N ASP B 198 -0.07 29.42 -0.96
CA ASP B 198 -0.32 28.19 -0.21
C ASP B 198 0.33 26.99 -0.90
N LEU B 199 0.56 27.13 -2.21
CA LEU B 199 1.05 26.01 -3.01
C LEU B 199 2.12 26.42 -4.02
N LEU B 200 3.10 25.55 -4.22
CA LEU B 200 4.11 25.74 -5.26
C LEU B 200 3.95 24.68 -6.34
N ARG B 201 4.09 25.08 -7.60
CA ARG B 201 4.02 24.14 -8.71
C ARG B 201 5.23 24.31 -9.63
N LEU B 202 5.91 23.20 -9.90
CA LEU B 202 7.12 23.22 -10.71
C LEU B 202 7.07 22.19 -11.84
N ASN B 203 7.36 22.64 -13.05
CA ASN B 203 7.43 21.75 -14.21
C ASN B 203 8.85 21.60 -14.72
N LEU B 204 9.53 20.55 -14.25
CA LEU B 204 10.91 20.28 -14.65
C LEU B 204 10.96 19.39 -15.89
N SER B 205 12.05 19.50 -16.63
CA SER B 205 12.25 18.69 -17.82
C SER B 205 12.27 17.20 -17.48
N LEU B 206 11.56 16.41 -18.28
CA LEU B 206 11.51 14.96 -18.07
C LEU B 206 12.90 14.35 -18.19
N ASP B 207 13.74 14.94 -19.03
CA ASP B 207 15.05 14.39 -19.32
C ASP B 207 16.14 14.84 -18.35
N SER B 208 15.86 15.89 -17.57
CA SER B 208 16.83 16.37 -16.60
C SER B 208 16.97 15.40 -15.43
N GLN B 209 15.93 14.59 -15.23
CA GLN B 209 15.90 13.64 -14.13
C GLN B 209 16.21 14.30 -12.80
N LEU B 210 15.97 15.60 -12.72
CA LEU B 210 16.18 16.36 -11.49
C LEU B 210 14.86 16.57 -10.76
N TYR B 211 14.94 16.84 -9.47
CA TYR B 211 13.76 17.15 -8.68
C TYR B 211 14.05 18.27 -7.69
N PRO B 212 13.02 19.09 -7.40
CA PRO B 212 13.18 20.23 -6.49
C PRO B 212 13.10 19.79 -5.03
N GLN B 213 14.08 20.21 -4.23
CA GLN B 213 14.08 19.92 -2.81
C GLN B 213 13.84 21.22 -2.05
N ILE B 214 12.59 21.69 -2.09
CA ILE B 214 12.24 23.01 -1.58
C ILE B 214 12.29 23.09 -0.05
N SER B 215 12.85 24.19 0.45
CA SER B 215 12.91 24.46 1.87
C SER B 215 12.13 25.74 2.18
N GLY B 216 11.41 25.74 3.30
CA GLY B 216 10.56 26.87 3.65
C GLY B 216 11.24 27.96 4.45
N HIS B 217 10.66 29.15 4.42
CA HIS B 217 11.19 30.30 5.15
C HIS B 217 10.19 31.46 5.12
N LYS B 218 9.45 31.63 6.22
CA LYS B 218 8.43 32.67 6.30
C LYS B 218 7.49 32.59 5.10
N SER B 219 7.64 33.56 4.19
CA SER B 219 6.83 33.59 2.97
C SER B 219 7.68 33.27 1.74
N ARG B 220 8.99 33.40 1.89
CA ARG B 220 9.92 33.05 0.82
C ARG B 220 10.33 31.58 0.97
N PHE B 221 11.30 31.14 0.19
CA PHE B 221 11.73 29.75 0.25
C PHE B 221 13.13 29.52 -0.31
N ALA B 222 13.43 28.27 -0.65
CA ALA B 222 14.73 27.90 -1.19
C ALA B 222 14.67 26.55 -1.88
N ILE B 223 14.92 26.53 -3.19
CA ILE B 223 14.86 25.30 -3.95
C ILE B 223 16.25 24.76 -4.25
N ARG B 224 16.47 23.49 -3.95
CA ARG B 224 17.73 22.83 -4.26
C ARG B 224 17.49 21.63 -5.17
N PHE B 225 17.79 21.79 -6.45
CA PHE B 225 17.58 20.73 -7.43
C PHE B 225 18.63 19.64 -7.33
N MET B 226 18.18 18.40 -7.18
CA MET B 226 19.07 17.25 -7.07
C MET B 226 18.67 16.16 -8.05
N PRO B 227 19.63 15.37 -8.52
CA PRO B 227 19.36 14.29 -9.49
C PRO B 227 18.79 13.05 -8.82
N LEU B 228 17.90 12.36 -9.53
CA LEU B 228 17.36 11.09 -9.05
C LEU B 228 18.52 10.14 -8.78
N ASP B 229 19.44 10.06 -9.73
CA ASP B 229 20.62 9.24 -9.59
C ASP B 229 21.76 10.07 -9.04
N SER B 230 21.96 10.02 -7.73
CA SER B 230 23.01 10.81 -7.09
C SER B 230 24.38 10.21 -7.37
N GLU B 231 24.38 9.03 -7.97
CA GLU B 231 25.61 8.31 -8.27
C GLU B 231 26.05 8.49 -9.71
N ASN B 232 25.18 9.08 -10.54
CA ASN B 232 25.41 9.12 -11.97
C ASN B 232 24.78 10.33 -12.66
N GLY B 233 23.86 10.99 -11.97
CA GLY B 233 23.13 12.12 -12.53
C GLY B 233 23.80 13.46 -12.27
N GLN B 234 23.64 14.38 -13.21
CA GLN B 234 24.31 15.67 -13.13
C GLN B 234 23.34 16.84 -12.93
N VAL B 235 23.86 17.92 -12.35
CA VAL B 235 23.11 19.15 -12.21
C VAL B 235 23.83 20.26 -12.98
N PRO B 236 23.24 20.70 -14.10
CA PRO B 236 23.88 21.69 -14.97
C PRO B 236 23.88 23.10 -14.35
N GLU B 237 24.48 24.05 -15.06
CA GLU B 237 24.53 25.43 -14.59
C GLU B 237 23.30 26.21 -15.03
N ARG B 238 22.61 25.70 -16.05
CA ARG B 238 21.38 26.34 -16.53
C ARG B 238 20.20 25.39 -16.41
N LEU B 239 19.18 25.83 -15.68
CA LEU B 239 17.97 25.03 -15.50
C LEU B 239 16.72 25.87 -15.76
N ASP B 240 16.25 25.86 -17.00
CA ASP B 240 15.05 26.59 -17.38
C ASP B 240 13.80 25.77 -17.11
N PHE B 241 12.95 26.25 -16.20
CA PHE B 241 11.74 25.53 -15.82
C PHE B 241 10.53 26.46 -15.75
N GLU B 242 9.51 26.04 -15.02
CA GLU B 242 8.30 26.82 -14.85
C GLU B 242 7.79 26.76 -13.41
N LEU B 243 7.68 27.92 -12.78
CA LEU B 243 7.20 28.01 -11.39
C LEU B 243 5.84 28.69 -11.33
N ALA B 244 5.11 28.46 -10.25
CA ALA B 244 3.80 29.07 -10.06
C ALA B 244 3.39 29.08 -8.60
N CYS B 245 3.33 30.26 -8.01
CA CYS B 245 2.88 30.40 -6.62
C CYS B 245 1.38 30.57 -6.56
N CYS B 246 0.69 29.59 -5.99
CA CYS B 246 -0.76 29.62 -5.89
C CYS B 246 -1.22 29.86 -4.47
N ASP C 1 -4.14 42.97 -18.59
CA ASP C 1 -5.50 43.17 -18.11
C ASP C 1 -6.40 41.99 -18.44
N TYR C 2 -6.27 41.47 -19.66
CA TYR C 2 -7.06 40.32 -20.09
C TYR C 2 -6.30 39.01 -19.87
N LEU C 3 -4.97 39.09 -19.91
CA LEU C 3 -4.14 37.92 -19.67
C LEU C 3 -3.88 37.75 -18.17
N ASP C 4 -4.21 38.79 -17.40
CA ASP C 4 -4.05 38.73 -15.96
C ASP C 4 -5.14 37.87 -15.33
N ILE C 5 -6.09 37.45 -16.16
CA ILE C 5 -7.20 36.63 -15.69
C ILE C 5 -6.93 35.15 -15.94
N PRO C 6 -7.11 34.33 -14.89
CA PRO C 6 -6.88 32.87 -14.94
C PRO C 6 -7.56 32.24 -16.16
N ALA C 7 -6.85 31.35 -16.83
CA ALA C 7 -7.32 30.75 -18.07
C ALA C 7 -8.69 30.08 -17.94
N PHE C 8 -8.99 29.57 -16.76
CA PHE C 8 -10.24 28.85 -16.54
C PHE C 8 -11.42 29.78 -16.30
N LEU C 9 -11.12 31.05 -16.04
CA LEU C 9 -12.16 32.07 -15.90
C LEU C 9 -12.25 32.90 -17.18
N ARG C 10 -11.52 32.47 -18.20
CA ARG C 10 -11.37 33.24 -19.42
C ARG C 10 -11.97 32.55 -20.63
N LYS C 11 -13.09 33.08 -21.12
CA LYS C 11 -13.72 32.56 -22.33
C LYS C 11 -14.40 33.68 -23.08
N GLN C 12 -15.68 33.51 -23.40
CA GLN C 12 -16.44 34.52 -24.13
C GLN C 12 -16.76 35.72 -23.25
#